data_5M28
#
_entry.id   5M28
#
_cell.length_a   54.273
_cell.length_b   82.645
_cell.length_c   84.926
_cell.angle_alpha   90.00
_cell.angle_beta   90.00
_cell.angle_gamma   90.00
#
_symmetry.space_group_name_H-M   'P 21 21 21'
#
loop_
_entity.id
_entity.type
_entity.pdbx_description
1 polymer MalE1
2 branched alpha-D-glucopyranose-(1-4)-alpha-D-glucopyranose-(1-4)-alpha-D-glucopyranose
3 non-polymer 'CHLORIDE ION'
4 water water
#
_entity_poly.entity_id   1
_entity_poly.type   'polypeptide(L)'
_entity_poly.pdbx_seq_one_letter_code
;KNVSGSVKLWVDTTQVPYYKKIVANFNKKYPDVKVKVTQSPNGSANAKTDVGKDPAKAADVFEVANDQLGSMAEAGYINP
LSPDATKAVKNNNVAVASEGVTWKGKMFAYPFAEQAQTIYYNKSKLTADDVKTWDGLTAKGVLATDFTNAYNFYPVFLSA
GTQLYGKTGETVKGTDVNSAKGEQAMAWFAQQKSNKGVMQTSNALNQLKSGKAAAILDGPWNSANIKKILGKNFAVAPYP
TIKLDGKDVQMQAFLGIETFAVNSHASGSNQKAAATLASFITNKESQLIVYDHSGQIPVDKTAQKSSKVASDPVAGAVMT
MAKPGNSTLMPKMPQMATFWNDAAPLINGAYTGSIPASQYSTKLDTFVKNISKAN
;
_entity_poly.pdbx_strand_id   A
#
loop_
_chem_comp.id
_chem_comp.type
_chem_comp.name
_chem_comp.formula
CL non-polymer 'CHLORIDE ION' 'Cl -1'
GLC D-saccharide, alpha linking alpha-D-glucopyranose 'C6 H12 O6'
#
# COMPACT_ATOMS: atom_id res chain seq x y z
N ASN A 2 -35.31 2.97 4.89
CA ASN A 2 -34.59 2.69 6.12
C ASN A 2 -33.55 1.60 5.93
N VAL A 3 -32.51 1.61 6.76
CA VAL A 3 -31.45 0.62 6.70
C VAL A 3 -31.41 -0.07 8.05
N SER A 4 -31.39 -1.40 8.02
CA SER A 4 -31.33 -2.17 9.24
C SER A 4 -30.45 -3.38 8.99
N GLY A 5 -30.03 -4.01 10.06
CA GLY A 5 -29.27 -5.24 9.96
C GLY A 5 -28.13 -5.24 10.96
N SER A 6 -27.33 -6.29 10.86
CA SER A 6 -26.16 -6.50 11.70
C SER A 6 -24.94 -6.72 10.80
N VAL A 7 -23.83 -6.07 11.11
N VAL A 7 -23.84 -6.02 11.09
CA VAL A 7 -22.64 -6.12 10.28
CA VAL A 7 -22.66 -5.94 10.22
C VAL A 7 -21.43 -6.29 11.19
C VAL A 7 -21.40 -6.11 11.07
N LYS A 8 -20.48 -7.11 10.75
N LYS A 8 -20.56 -7.07 10.72
CA LYS A 8 -19.16 -7.19 11.36
CA LYS A 8 -19.22 -7.18 11.28
C LYS A 8 -18.17 -6.48 10.46
C LYS A 8 -18.24 -6.41 10.41
N LEU A 9 -17.39 -5.58 11.04
CA LEU A 9 -16.37 -4.79 10.36
C LEU A 9 -14.99 -5.20 10.85
N TRP A 10 -14.10 -5.51 9.91
CA TRP A 10 -12.70 -5.80 10.18
C TRP A 10 -11.81 -4.64 9.77
N VAL A 11 -10.98 -4.18 10.70
CA VAL A 11 -9.98 -3.16 10.47
C VAL A 11 -8.65 -3.64 11.07
N ASP A 12 -7.59 -2.89 10.80
CA ASP A 12 -6.28 -3.27 11.34
C ASP A 12 -6.18 -2.87 12.81
N THR A 13 -5.27 -3.54 13.53
CA THR A 13 -5.25 -3.50 15.00
C THR A 13 -5.33 -2.09 15.61
N THR A 14 -4.42 -1.20 15.23
CA THR A 14 -4.42 0.09 15.92
C THR A 14 -5.47 1.05 15.38
N GLN A 15 -6.23 0.64 14.39
CA GLN A 15 -7.30 1.46 13.83
C GLN A 15 -8.62 1.30 14.58
N VAL A 16 -8.77 0.27 15.38
CA VAL A 16 -10.05 0.00 16.01
C VAL A 16 -10.58 1.21 16.77
N PRO A 17 -9.80 1.91 17.59
CA PRO A 17 -10.39 3.00 18.38
C PRO A 17 -11.05 4.07 17.53
N TYR A 18 -10.43 4.48 16.43
CA TYR A 18 -11.05 5.53 15.64
C TYR A 18 -12.09 5.01 14.66
N TYR A 19 -12.05 3.74 14.25
CA TYR A 19 -13.21 3.21 13.54
C TYR A 19 -14.43 3.09 14.43
N LYS A 20 -14.25 2.90 15.74
CA LYS A 20 -15.41 2.98 16.63
C LYS A 20 -16.02 4.37 16.63
N LYS A 21 -15.17 5.40 16.55
CA LYS A 21 -15.69 6.77 16.45
C LYS A 21 -16.45 6.97 15.13
N ILE A 22 -15.89 6.48 14.03
CA ILE A 22 -16.54 6.58 12.73
C ILE A 22 -17.87 5.84 12.75
N VAL A 23 -17.90 4.66 13.36
CA VAL A 23 -19.14 3.88 13.46
C VAL A 23 -20.16 4.60 14.33
N ALA A 24 -19.72 5.29 15.38
CA ALA A 24 -20.66 6.11 16.15
C ALA A 24 -21.29 7.19 15.28
N ASN A 25 -20.49 7.81 14.39
CA ASN A 25 -21.05 8.77 13.43
C ASN A 25 -22.04 8.10 12.49
N PHE A 26 -21.68 6.91 11.98
CA PHE A 26 -22.57 6.14 11.13
C PHE A 26 -23.90 5.89 11.82
N ASN A 27 -23.86 5.51 13.10
CA ASN A 27 -25.10 5.19 13.82
C ASN A 27 -25.94 6.43 14.14
N LYS A 28 -25.37 7.64 14.09
CA LYS A 28 -26.21 8.83 14.18
C LYS A 28 -27.18 8.89 13.00
N LYS A 29 -26.72 8.47 11.84
CA LYS A 29 -27.53 8.50 10.63
C LYS A 29 -28.32 7.21 10.44
N TYR A 30 -27.76 6.09 10.88
CA TYR A 30 -28.36 4.76 10.70
C TYR A 30 -28.44 4.09 12.07
N PRO A 31 -29.37 4.53 12.92
CA PRO A 31 -29.40 4.02 14.30
C PRO A 31 -29.73 2.54 14.41
N ASP A 32 -30.33 1.92 13.39
CA ASP A 32 -30.83 0.56 13.47
C ASP A 32 -29.87 -0.48 12.88
N VAL A 33 -28.64 -0.10 12.61
CA VAL A 33 -27.64 -1.05 12.13
C VAL A 33 -26.71 -1.35 13.28
N LYS A 34 -26.63 -2.62 13.66
CA LYS A 34 -25.74 -3.07 14.73
C LYS A 34 -24.41 -3.44 14.12
N VAL A 35 -23.37 -2.67 14.44
CA VAL A 35 -22.03 -2.91 13.91
C VAL A 35 -21.15 -3.43 15.02
N LYS A 36 -20.39 -4.48 14.72
CA LYS A 36 -19.34 -4.98 15.61
C LYS A 36 -18.01 -4.73 14.93
N VAL A 37 -17.17 -3.91 15.55
CA VAL A 37 -15.85 -3.55 15.01
C VAL A 37 -14.80 -4.38 15.72
N THR A 38 -14.00 -5.13 14.98
CA THR A 38 -12.87 -5.83 15.57
C THR A 38 -11.67 -5.70 14.63
N GLN A 39 -10.50 -6.07 15.15
CA GLN A 39 -9.38 -6.27 14.26
C GLN A 39 -9.63 -7.52 13.42
N SER A 40 -8.98 -7.58 12.27
CA SER A 40 -9.02 -8.78 11.45
C SER A 40 -8.03 -9.82 11.99
N PRO A 41 -8.20 -11.07 11.58
CA PRO A 41 -7.25 -12.11 12.04
C PRO A 41 -5.80 -11.81 11.70
N ASN A 42 -5.51 -11.36 10.46
CA ASN A 42 -4.12 -11.19 10.05
C ASN A 42 -3.86 -9.89 9.30
N GLY A 43 -4.78 -8.94 9.31
CA GLY A 43 -4.53 -7.63 8.74
C GLY A 43 -5.01 -7.51 7.30
N SER A 44 -5.20 -6.25 6.88
CA SER A 44 -5.63 -5.91 5.54
C SER A 44 -4.68 -6.43 4.47
N ALA A 45 -3.38 -6.53 4.76
CA ALA A 45 -2.44 -7.08 3.81
C ALA A 45 -2.68 -8.55 3.55
N ASN A 46 -3.54 -9.19 4.35
CA ASN A 46 -3.86 -10.62 4.25
C ASN A 46 -5.36 -10.86 4.16
N ALA A 47 -6.14 -9.88 3.71
CA ALA A 47 -7.58 -10.10 3.59
C ALA A 47 -7.89 -11.25 2.64
N LYS A 48 -7.11 -11.36 1.55
CA LYS A 48 -7.23 -12.43 0.56
C LYS A 48 -7.41 -13.79 1.22
N THR A 49 -6.54 -14.07 2.18
CA THR A 49 -6.55 -15.38 2.83
C THR A 49 -7.43 -15.42 4.07
N ASP A 50 -7.59 -14.30 4.80
CA ASP A 50 -8.51 -14.30 5.94
C ASP A 50 -9.94 -14.56 5.48
N VAL A 51 -10.34 -13.96 4.37
CA VAL A 51 -11.66 -14.21 3.81
C VAL A 51 -11.70 -15.57 3.09
N GLY A 52 -10.68 -15.87 2.28
CA GLY A 52 -10.71 -17.09 1.49
C GLY A 52 -10.73 -18.37 2.30
N LYS A 53 -10.15 -18.34 3.51
CA LYS A 53 -10.18 -19.50 4.40
C LYS A 53 -11.61 -19.98 4.62
N ASP A 54 -12.54 -19.06 4.82
CA ASP A 54 -13.93 -19.37 5.09
C ASP A 54 -14.75 -18.12 4.81
N PRO A 55 -15.13 -17.88 3.56
CA PRO A 55 -15.82 -16.62 3.25
C PRO A 55 -17.06 -16.38 4.10
N ALA A 56 -17.80 -17.42 4.45
CA ALA A 56 -19.05 -17.21 5.16
C ALA A 56 -18.86 -16.86 6.63
N LYS A 57 -17.69 -17.08 7.20
CA LYS A 57 -17.40 -16.72 8.59
C LYS A 57 -16.72 -15.36 8.71
N ALA A 58 -16.23 -14.82 7.61
CA ALA A 58 -15.46 -13.58 7.64
C ALA A 58 -16.38 -12.39 7.87
N ALA A 59 -15.77 -11.24 8.18
CA ALA A 59 -16.52 -10.00 8.34
C ALA A 59 -17.33 -9.67 7.09
N ASP A 60 -18.41 -8.93 7.30
CA ASP A 60 -19.24 -8.45 6.21
C ASP A 60 -18.60 -7.27 5.46
N VAL A 61 -17.82 -6.46 6.15
CA VAL A 61 -17.07 -5.36 5.55
C VAL A 61 -15.65 -5.49 6.07
N PHE A 62 -14.67 -5.45 5.18
CA PHE A 62 -13.29 -5.71 5.59
C PHE A 62 -12.33 -4.83 4.81
N GLU A 63 -11.26 -4.42 5.51
CA GLU A 63 -10.22 -3.61 4.92
C GLU A 63 -9.33 -4.47 4.02
N VAL A 64 -8.98 -3.97 2.84
CA VAL A 64 -8.22 -4.75 1.87
C VAL A 64 -7.50 -3.78 0.93
N ALA A 65 -6.25 -4.08 0.66
CA ALA A 65 -5.47 -3.31 -0.30
C ALA A 65 -5.85 -3.67 -1.73
N ASN A 66 -5.68 -2.71 -2.65
CA ASN A 66 -6.29 -2.86 -3.98
C ASN A 66 -5.72 -4.01 -4.79
N ASP A 67 -4.49 -4.42 -4.53
CA ASP A 67 -3.89 -5.50 -5.33
C ASP A 67 -4.63 -6.81 -5.18
N GLN A 68 -5.36 -7.01 -4.08
CA GLN A 68 -6.03 -8.28 -3.82
C GLN A 68 -7.37 -8.40 -4.53
N LEU A 69 -7.82 -7.32 -5.17
CA LEU A 69 -9.21 -7.26 -5.60
C LEU A 69 -9.51 -8.16 -6.80
N GLY A 70 -8.60 -8.29 -7.76
CA GLY A 70 -8.90 -9.13 -8.91
C GLY A 70 -9.08 -10.58 -8.52
N SER A 71 -8.21 -11.08 -7.64
CA SER A 71 -8.34 -12.44 -7.14
C SER A 71 -9.67 -12.62 -6.43
N MET A 72 -10.03 -11.71 -5.53
CA MET A 72 -11.25 -11.86 -4.77
C MET A 72 -12.49 -11.73 -5.65
N ALA A 73 -12.44 -10.84 -6.66
CA ALA A 73 -13.55 -10.70 -7.60
C ALA A 73 -13.73 -11.98 -8.40
N GLU A 74 -12.65 -12.53 -8.94
CA GLU A 74 -12.76 -13.74 -9.75
C GLU A 74 -13.23 -14.92 -8.92
N ALA A 75 -12.88 -14.96 -7.64
CA ALA A 75 -13.31 -16.03 -6.75
C ALA A 75 -14.75 -15.87 -6.29
N GLY A 76 -15.38 -14.72 -6.55
CA GLY A 76 -16.74 -14.47 -6.14
C GLY A 76 -16.91 -14.01 -4.71
N TYR A 77 -15.84 -13.58 -4.05
CA TYR A 77 -15.93 -13.17 -2.65
C TYR A 77 -16.45 -11.75 -2.47
N ILE A 78 -16.42 -10.95 -3.53
CA ILE A 78 -16.88 -9.57 -3.54
C ILE A 78 -17.62 -9.36 -4.84
N ASN A 79 -18.72 -8.61 -4.79
CA ASN A 79 -19.56 -8.31 -5.95
C ASN A 79 -19.25 -6.93 -6.48
N PRO A 80 -19.56 -6.67 -7.76
CA PRO A 80 -19.41 -5.30 -8.27
C PRO A 80 -20.30 -4.32 -7.53
N LEU A 81 -19.80 -3.11 -7.36
CA LEU A 81 -20.61 -2.02 -6.84
C LEU A 81 -21.76 -1.71 -7.80
N SER A 82 -22.88 -1.27 -7.25
CA SER A 82 -24.00 -0.83 -8.06
C SER A 82 -23.63 0.38 -8.91
N PRO A 83 -24.43 0.70 -9.93
CA PRO A 83 -24.17 1.93 -10.68
C PRO A 83 -24.12 3.17 -9.81
N ASP A 84 -25.04 3.32 -8.86
CA ASP A 84 -25.04 4.51 -8.02
C ASP A 84 -23.83 4.55 -7.10
N ALA A 85 -23.44 3.40 -6.54
CA ALA A 85 -22.27 3.38 -5.67
C ALA A 85 -21.01 3.69 -6.46
N THR A 86 -20.95 3.17 -7.69
CA THR A 86 -19.82 3.42 -8.58
C THR A 86 -19.71 4.91 -8.88
N LYS A 87 -20.83 5.53 -9.21
CA LYS A 87 -20.82 6.96 -9.55
C LYS A 87 -20.30 7.78 -8.38
N ALA A 88 -20.71 7.43 -7.16
CA ALA A 88 -20.24 8.18 -6.00
C ALA A 88 -18.74 8.03 -5.82
N VAL A 89 -18.22 6.79 -5.92
CA VAL A 89 -16.78 6.61 -5.79
C VAL A 89 -16.06 7.44 -6.85
N LYS A 90 -16.52 7.35 -8.08
CA LYS A 90 -15.82 8.00 -9.18
C LYS A 90 -15.83 9.51 -9.03
N ASN A 91 -16.96 10.08 -8.64
CA ASN A 91 -17.06 11.53 -8.57
C ASN A 91 -16.38 12.10 -7.34
N ASN A 92 -16.33 11.36 -6.23
CA ASN A 92 -15.85 11.93 -4.99
C ASN A 92 -14.35 11.82 -4.80
N ASN A 93 -13.69 10.88 -5.48
CA ASN A 93 -12.31 10.53 -5.20
C ASN A 93 -11.41 10.77 -6.41
N VAL A 94 -10.11 10.89 -6.14
CA VAL A 94 -9.17 11.11 -7.21
C VAL A 94 -9.15 9.91 -8.18
N ALA A 95 -8.73 10.20 -9.41
CA ALA A 95 -8.83 9.22 -10.48
C ALA A 95 -8.11 7.92 -10.15
N VAL A 96 -6.92 7.99 -9.54
CA VAL A 96 -6.18 6.76 -9.28
C VAL A 96 -6.91 5.87 -8.27
N ALA A 97 -7.71 6.45 -7.38
CA ALA A 97 -8.50 5.64 -6.46
C ALA A 97 -9.52 4.79 -7.20
N SER A 98 -10.20 5.38 -8.18
CA SER A 98 -11.13 4.60 -9.00
C SER A 98 -10.39 3.54 -9.81
N GLU A 99 -9.25 3.89 -10.41
CA GLU A 99 -8.48 2.89 -11.14
C GLU A 99 -8.09 1.75 -10.21
N GLY A 100 -7.73 2.08 -8.97
CA GLY A 100 -7.28 1.08 -8.02
C GLY A 100 -8.35 0.05 -7.69
N VAL A 101 -9.63 0.43 -7.70
CA VAL A 101 -10.70 -0.49 -7.32
C VAL A 101 -11.42 -1.10 -8.51
N THR A 102 -11.03 -0.77 -9.74
CA THR A 102 -11.72 -1.22 -10.93
C THR A 102 -11.01 -2.42 -11.53
N TRP A 103 -11.78 -3.48 -11.77
CA TRP A 103 -11.28 -4.71 -12.36
C TRP A 103 -12.19 -5.05 -13.53
N LYS A 104 -11.62 -5.15 -14.73
CA LYS A 104 -12.39 -5.44 -15.93
C LYS A 104 -13.59 -4.50 -16.05
N GLY A 105 -13.37 -3.23 -15.74
CA GLY A 105 -14.38 -2.21 -15.95
C GLY A 105 -15.40 -2.06 -14.85
N LYS A 106 -15.34 -2.84 -13.77
CA LYS A 106 -16.29 -2.76 -12.67
C LYS A 106 -15.55 -2.50 -11.37
N MET A 107 -16.15 -1.69 -10.51
CA MET A 107 -15.55 -1.43 -9.21
C MET A 107 -15.94 -2.54 -8.24
N PHE A 108 -14.99 -2.95 -7.40
CA PHE A 108 -15.21 -4.02 -6.43
C PHE A 108 -14.93 -3.62 -4.98
N ALA A 109 -14.61 -2.36 -4.72
CA ALA A 109 -14.38 -1.93 -3.35
C ALA A 109 -14.52 -0.42 -3.26
N TYR A 110 -14.53 0.06 -2.03
CA TYR A 110 -14.76 1.46 -1.68
C TYR A 110 -13.41 2.03 -1.22
N PRO A 111 -12.75 2.84 -2.03
CA PRO A 111 -11.41 3.32 -1.69
C PRO A 111 -11.48 4.43 -0.65
N PHE A 112 -10.44 4.50 0.19
CA PHE A 112 -10.38 5.57 1.17
C PHE A 112 -9.03 6.19 1.43
N ALA A 113 -7.91 5.53 1.11
CA ALA A 113 -6.61 6.11 1.41
C ALA A 113 -5.64 5.83 0.28
N GLU A 114 -4.78 6.82 0.05
CA GLU A 114 -3.75 6.79 -0.98
C GLU A 114 -2.42 6.48 -0.29
N GLN A 115 -1.77 5.37 -0.66
CA GLN A 115 -0.57 4.90 0.03
C GLN A 115 0.63 4.87 -0.91
N ALA A 116 1.65 5.65 -0.57
CA ALA A 116 2.95 5.49 -1.20
C ALA A 116 3.98 5.64 -0.11
N GLN A 117 4.96 4.74 -0.11
CA GLN A 117 6.05 4.90 0.83
C GLN A 117 6.91 6.11 0.48
N THR A 118 7.55 6.63 1.52
CA THR A 118 8.42 7.78 1.47
C THR A 118 9.61 7.51 2.40
N ILE A 119 10.61 8.38 2.35
CA ILE A 119 11.69 8.38 3.32
C ILE A 119 11.21 9.14 4.55
N TYR A 120 11.25 8.49 5.71
CA TYR A 120 11.05 9.17 6.99
C TYR A 120 12.41 9.23 7.66
N TYR A 121 12.80 10.41 8.15
CA TYR A 121 14.17 10.53 8.64
C TYR A 121 14.26 11.53 9.77
N ASN A 122 15.33 11.38 10.54
CA ASN A 122 15.66 12.24 11.67
C ASN A 122 16.48 13.41 11.14
N LYS A 123 15.89 14.61 11.12
CA LYS A 123 16.54 15.74 10.49
C LYS A 123 17.72 16.28 11.30
N SER A 124 17.91 15.82 12.54
CA SER A 124 19.16 16.15 13.25
C SER A 124 20.33 15.30 12.76
N LYS A 125 20.05 14.23 12.02
N LYS A 125 20.06 14.24 12.01
CA LYS A 125 21.08 13.31 11.52
CA LYS A 125 21.09 13.33 11.52
C LYS A 125 21.34 13.41 10.03
C LYS A 125 21.35 13.44 10.03
N LEU A 126 20.36 13.85 9.25
CA LEU A 126 20.49 13.95 7.80
C LEU A 126 19.78 15.22 7.36
N THR A 127 20.29 15.83 6.30
CA THR A 127 19.66 17.02 5.72
C THR A 127 18.71 16.65 4.58
N ALA A 128 17.90 17.65 4.19
CA ALA A 128 17.02 17.49 3.05
C ALA A 128 17.81 17.19 1.78
N ASP A 129 18.99 17.76 1.63
N ASP A 129 18.99 17.77 1.64
CA ASP A 129 19.79 17.44 0.46
CA ASP A 129 19.82 17.47 0.48
C ASP A 129 20.38 16.04 0.56
C ASP A 129 20.40 16.06 0.56
N ASP A 130 20.78 15.61 1.75
CA ASP A 130 21.37 14.27 1.90
C ASP A 130 20.43 13.19 1.39
N VAL A 131 19.13 13.36 1.59
CA VAL A 131 18.17 12.29 1.30
C VAL A 131 17.75 12.25 -0.17
N LYS A 132 18.35 13.09 -1.02
CA LYS A 132 17.97 13.13 -2.43
C LYS A 132 18.47 11.92 -3.23
N THR A 133 19.57 11.30 -2.80
CA THR A 133 20.15 10.16 -3.51
C THR A 133 20.37 9.04 -2.51
N TRP A 134 20.21 7.81 -2.97
CA TRP A 134 20.37 6.65 -2.09
C TRP A 134 21.82 6.53 -1.60
N ASP A 135 22.78 6.64 -2.52
CA ASP A 135 24.16 6.48 -2.10
C ASP A 135 24.59 7.62 -1.19
N GLY A 136 24.12 8.84 -1.45
CA GLY A 136 24.49 9.95 -0.60
C GLY A 136 23.89 9.86 0.78
N LEU A 137 22.63 9.41 0.86
CA LEU A 137 21.97 9.24 2.15
C LEU A 137 22.71 8.19 2.97
N THR A 138 22.93 7.02 2.38
CA THR A 138 23.50 5.90 3.11
C THR A 138 24.98 6.11 3.42
N ALA A 139 25.66 7.02 2.72
CA ALA A 139 27.03 7.39 3.10
C ALA A 139 27.06 8.26 4.34
N LYS A 140 25.95 8.88 4.70
CA LYS A 140 25.89 9.82 5.81
C LYS A 140 25.10 9.32 7.02
N GLY A 141 24.30 8.28 6.86
CA GLY A 141 23.54 7.74 7.99
C GLY A 141 22.97 6.39 7.61
N VAL A 142 22.46 5.69 8.61
CA VAL A 142 21.95 4.34 8.42
C VAL A 142 20.47 4.37 8.08
N LEU A 143 20.12 3.68 7.00
CA LEU A 143 18.74 3.46 6.57
C LEU A 143 18.39 2.01 6.90
N ALA A 144 17.36 1.82 7.73
CA ALA A 144 16.94 0.51 8.15
C ALA A 144 15.75 0.06 7.29
N THR A 145 15.81 -1.18 6.80
CA THR A 145 14.81 -1.67 5.87
C THR A 145 14.85 -3.19 5.83
N ASP A 146 13.99 -3.78 4.98
CA ASP A 146 13.76 -5.21 4.96
C ASP A 146 13.72 -5.69 3.50
N PHE A 147 14.78 -6.40 3.08
CA PHE A 147 14.86 -6.96 1.73
C PHE A 147 14.04 -8.23 1.56
N THR A 148 13.42 -8.75 2.62
CA THR A 148 12.49 -9.87 2.46
C THR A 148 11.07 -9.40 2.18
N ASN A 149 10.82 -8.09 2.16
CA ASN A 149 9.50 -7.54 1.89
C ASN A 149 9.50 -7.00 0.46
N ALA A 150 8.85 -7.73 -0.45
CA ALA A 150 8.85 -7.37 -1.87
C ALA A 150 8.10 -6.07 -2.13
N TYR A 151 7.18 -5.67 -1.26
CA TYR A 151 6.54 -4.38 -1.40
C TYR A 151 7.54 -3.25 -1.27
N ASN A 152 8.60 -3.43 -0.47
CA ASN A 152 9.64 -2.40 -0.37
C ASN A 152 10.42 -2.27 -1.67
N PHE A 153 10.86 -3.39 -2.26
CA PHE A 153 11.93 -3.35 -3.25
C PHE A 153 11.59 -3.80 -4.66
N TYR A 154 10.46 -4.47 -4.90
CA TYR A 154 10.14 -4.79 -6.28
C TYR A 154 10.13 -3.55 -7.17
N PRO A 155 9.68 -2.39 -6.71
CA PRO A 155 9.65 -1.24 -7.63
C PRO A 155 11.01 -0.80 -8.17
N VAL A 156 12.13 -1.26 -7.61
CA VAL A 156 13.42 -1.03 -8.27
C VAL A 156 13.42 -1.60 -9.69
N PHE A 157 12.73 -2.74 -9.90
CA PHE A 157 12.60 -3.26 -11.26
C PHE A 157 11.86 -2.29 -12.18
N LEU A 158 10.92 -1.52 -11.64
CA LEU A 158 10.20 -0.53 -12.43
C LEU A 158 11.09 0.67 -12.72
N SER A 159 11.89 1.09 -11.74
CA SER A 159 12.91 2.10 -11.99
C SER A 159 13.87 1.66 -13.09
N ALA A 160 14.17 0.37 -13.17
CA ALA A 160 15.06 -0.18 -14.18
C ALA A 160 14.44 -0.21 -15.56
N GLY A 161 13.15 0.10 -15.69
CA GLY A 161 12.52 0.17 -16.99
C GLY A 161 11.72 -1.03 -17.40
N THR A 162 11.44 -1.95 -16.49
CA THR A 162 10.60 -3.12 -16.79
C THR A 162 9.15 -2.82 -16.45
N GLN A 163 8.26 -3.66 -16.96
CA GLN A 163 6.82 -3.57 -16.73
C GLN A 163 6.38 -4.73 -15.87
N LEU A 164 5.34 -4.49 -15.06
CA LEU A 164 4.70 -5.52 -14.24
C LEU A 164 3.28 -5.73 -14.77
N TYR A 165 3.05 -6.88 -15.40
CA TYR A 165 1.77 -7.18 -16.03
C TYR A 165 1.41 -6.12 -17.07
N GLY A 166 2.41 -5.68 -17.82
CA GLY A 166 2.18 -4.85 -18.97
C GLY A 166 1.99 -3.39 -18.65
N LYS A 167 1.50 -2.68 -19.68
CA LYS A 167 1.48 -1.22 -19.67
C LYS A 167 0.66 -0.67 -18.51
N THR A 168 -0.51 -1.26 -18.24
CA THR A 168 -1.38 -0.79 -17.18
C THR A 168 -1.69 -1.88 -16.16
N GLY A 169 -0.85 -2.90 -16.07
CA GLY A 169 -1.02 -3.92 -15.04
C GLY A 169 -2.14 -4.89 -15.28
N GLU A 170 -2.59 -5.03 -16.53
CA GLU A 170 -3.71 -5.91 -16.86
C GLU A 170 -3.33 -7.04 -17.80
N THR A 171 -2.05 -7.20 -18.12
CA THR A 171 -1.61 -8.14 -19.16
C THR A 171 -0.93 -9.34 -18.49
N VAL A 172 -1.55 -10.52 -18.59
CA VAL A 172 -1.08 -11.70 -17.88
C VAL A 172 0.39 -11.99 -18.20
N LYS A 173 0.76 -11.92 -19.48
CA LYS A 173 2.12 -12.22 -19.94
C LYS A 173 2.98 -10.98 -20.08
N GLY A 174 2.60 -9.86 -19.45
CA GLY A 174 3.25 -8.59 -19.68
C GLY A 174 4.41 -8.23 -18.76
N THR A 175 4.82 -9.09 -17.84
CA THR A 175 5.98 -8.80 -17.00
C THR A 175 7.23 -9.18 -17.78
N ASP A 176 8.10 -8.20 -18.02
CA ASP A 176 9.26 -8.37 -18.90
C ASP A 176 10.57 -8.19 -18.14
N VAL A 177 10.58 -8.56 -16.86
CA VAL A 177 11.75 -8.37 -16.03
C VAL A 177 12.87 -9.35 -16.34
N ASN A 178 12.58 -10.37 -17.15
CA ASN A 178 13.58 -11.33 -17.59
C ASN A 178 14.35 -10.73 -18.76
N SER A 179 15.21 -9.77 -18.42
CA SER A 179 15.91 -8.93 -19.40
C SER A 179 17.15 -8.35 -18.74
N ALA A 180 17.99 -7.72 -19.56
CA ALA A 180 19.13 -7.01 -19.03
C ALA A 180 18.72 -5.94 -18.03
N LYS A 181 17.58 -5.28 -18.27
CA LYS A 181 17.11 -4.27 -17.31
C LYS A 181 16.77 -4.91 -15.96
N GLY A 182 16.15 -6.09 -15.96
CA GLY A 182 15.90 -6.79 -14.72
C GLY A 182 17.19 -7.15 -14.00
N GLU A 183 18.20 -7.56 -14.75
CA GLU A 183 19.49 -7.88 -14.15
C GLU A 183 20.11 -6.66 -13.48
N GLN A 184 19.89 -5.46 -14.03
CA GLN A 184 20.42 -4.26 -13.39
C GLN A 184 19.81 -4.06 -12.01
N ALA A 185 18.51 -4.33 -11.86
CA ALA A 185 17.89 -4.24 -10.55
C ALA A 185 18.44 -5.29 -9.60
N MET A 186 18.60 -6.53 -10.07
CA MET A 186 19.18 -7.57 -9.23
C MET A 186 20.56 -7.15 -8.73
N ALA A 187 21.37 -6.55 -9.61
CA ALA A 187 22.69 -6.09 -9.21
C ALA A 187 22.62 -5.00 -8.16
N TRP A 188 21.63 -4.12 -8.26
CA TRP A 188 21.45 -3.07 -7.24
C TRP A 188 21.14 -3.69 -5.88
N PHE A 189 20.23 -4.66 -5.83
CA PHE A 189 19.97 -5.32 -4.55
C PHE A 189 21.26 -5.90 -3.96
N ALA A 190 22.03 -6.58 -4.81
CA ALA A 190 23.24 -7.23 -4.33
C ALA A 190 24.23 -6.21 -3.78
N GLN A 191 24.32 -5.04 -4.42
CA GLN A 191 25.22 -3.99 -3.96
C GLN A 191 24.90 -3.54 -2.54
N GLN A 192 23.63 -3.63 -2.12
CA GLN A 192 23.27 -3.06 -0.83
C GLN A 192 23.77 -3.92 0.33
N LYS A 193 24.11 -5.18 0.08
CA LYS A 193 24.59 -6.03 1.18
C LYS A 193 25.85 -5.49 1.80
N SER A 194 26.72 -4.87 1.00
CA SER A 194 27.98 -4.32 1.47
C SER A 194 27.90 -2.83 1.75
N ASN A 195 26.72 -2.23 1.62
CA ASN A 195 26.52 -0.82 1.93
C ASN A 195 26.35 -0.72 3.44
N LYS A 196 27.36 -0.17 4.12
CA LYS A 196 27.32 -0.10 5.57
C LYS A 196 26.23 0.82 6.08
N GLY A 197 25.66 1.66 5.22
CA GLY A 197 24.54 2.50 5.60
C GLY A 197 23.19 1.88 5.37
N VAL A 198 23.12 0.59 5.07
CA VAL A 198 21.85 -0.12 4.87
C VAL A 198 21.78 -1.24 5.90
N MET A 199 20.80 -1.17 6.80
CA MET A 199 20.63 -2.15 7.86
C MET A 199 19.39 -3.00 7.56
N GLN A 200 19.59 -4.30 7.43
CA GLN A 200 18.49 -5.25 7.32
C GLN A 200 17.87 -5.46 8.69
N THR A 201 16.55 -5.30 8.79
CA THR A 201 15.85 -5.51 10.05
C THR A 201 14.39 -5.82 9.77
N SER A 202 13.80 -6.62 10.65
N SER A 202 13.80 -6.63 10.64
CA SER A 202 12.37 -6.90 10.57
CA SER A 202 12.37 -6.90 10.55
C SER A 202 11.52 -5.86 11.28
C SER A 202 11.53 -5.82 11.21
N ASN A 203 12.14 -4.89 11.98
CA ASN A 203 11.41 -3.83 12.68
C ASN A 203 12.20 -2.53 12.51
N ALA A 204 12.07 -1.94 11.32
CA ALA A 204 12.76 -0.69 11.02
C ALA A 204 12.31 0.43 11.95
N LEU A 205 11.03 0.43 12.34
CA LEU A 205 10.51 1.48 13.19
C LEU A 205 11.23 1.51 14.54
N ASN A 206 11.51 0.33 15.11
CA ASN A 206 12.22 0.26 16.38
C ASN A 206 13.64 0.81 16.25
N GLN A 207 14.28 0.62 15.10
CA GLN A 207 15.62 1.13 14.90
C GLN A 207 15.62 2.65 14.83
N LEU A 208 14.59 3.20 14.19
CA LEU A 208 14.44 4.65 14.17
C LEU A 208 14.22 5.17 15.59
N LYS A 209 13.37 4.49 16.34
CA LYS A 209 13.04 4.91 17.70
C LYS A 209 14.27 4.88 18.61
N SER A 210 15.11 3.85 18.49
CA SER A 210 16.28 3.73 19.35
C SER A 210 17.44 4.62 18.90
N GLY A 211 17.35 5.25 17.74
CA GLY A 211 18.43 6.05 17.21
C GLY A 211 19.47 5.29 16.41
N LYS A 212 19.32 3.98 16.27
CA LYS A 212 20.27 3.19 15.48
C LYS A 212 20.10 3.39 13.99
N ALA A 213 18.95 3.89 13.55
CA ALA A 213 18.74 4.26 12.16
C ALA A 213 18.43 5.74 12.09
N ALA A 214 18.97 6.40 11.06
CA ALA A 214 18.66 7.79 10.79
C ALA A 214 17.47 7.95 9.86
N ALA A 215 17.13 6.89 9.11
CA ALA A 215 16.08 6.97 8.11
C ALA A 215 15.49 5.58 7.92
N ILE A 216 14.23 5.56 7.46
CA ILE A 216 13.57 4.34 7.04
C ILE A 216 12.71 4.65 5.83
N LEU A 217 12.37 3.61 5.05
CA LEU A 217 11.29 3.67 4.08
C LEU A 217 10.05 3.13 4.77
N ASP A 218 8.94 3.85 4.68
CA ASP A 218 7.70 3.37 5.30
C ASP A 218 6.53 4.09 4.65
N GLY A 219 5.32 3.66 5.00
CA GLY A 219 4.12 4.24 4.42
C GLY A 219 3.28 5.02 5.41
N PRO A 220 2.22 5.67 4.91
CA PRO A 220 1.49 6.65 5.73
C PRO A 220 0.66 6.05 6.83
N TRP A 221 0.42 4.73 6.82
CA TRP A 221 -0.17 4.06 7.97
C TRP A 221 0.67 4.29 9.23
N ASN A 222 1.94 4.64 9.06
CA ASN A 222 2.83 4.97 10.17
C ASN A 222 3.16 6.46 10.26
N SER A 223 2.48 7.34 9.55
CA SER A 223 2.83 8.75 9.57
C SER A 223 2.73 9.34 10.98
N ALA A 224 1.54 9.28 11.59
CA ALA A 224 1.41 9.82 12.95
C ALA A 224 2.32 9.10 13.91
N ASN A 225 2.50 7.79 13.73
CA ASN A 225 3.38 7.04 14.64
C ASN A 225 4.81 7.57 14.58
N ILE A 226 5.31 7.84 13.37
CA ILE A 226 6.69 8.30 13.20
C ILE A 226 6.82 9.75 13.66
N LYS A 227 5.80 10.58 13.44
CA LYS A 227 5.82 11.93 13.98
C LYS A 227 5.95 11.92 15.50
N LYS A 228 5.24 11.01 16.16
CA LYS A 228 5.35 10.91 17.62
C LYS A 228 6.75 10.45 18.02
N ILE A 229 7.31 9.48 17.31
CA ILE A 229 8.64 8.98 17.65
C ILE A 229 9.71 10.08 17.49
N LEU A 230 9.69 10.78 16.37
CA LEU A 230 10.76 11.72 16.06
C LEU A 230 10.53 13.12 16.62
N GLY A 231 9.29 13.48 16.94
CA GLY A 231 9.01 14.79 17.51
C GLY A 231 9.49 15.89 16.59
N LYS A 232 10.19 16.87 17.18
CA LYS A 232 10.67 18.01 16.40
C LYS A 232 11.76 17.63 15.40
N ASN A 233 12.30 16.42 15.48
CA ASN A 233 13.25 15.96 14.48
C ASN A 233 12.58 15.25 13.31
N PHE A 234 11.25 15.21 13.26
CA PHE A 234 10.57 14.55 12.16
C PHE A 234 10.83 15.24 10.83
N ALA A 235 11.12 14.44 9.81
CA ALA A 235 11.15 14.91 8.44
C ALA A 235 10.74 13.77 7.50
N VAL A 236 10.28 14.17 6.33
CA VAL A 236 9.83 13.22 5.31
C VAL A 236 10.26 13.73 3.95
N ALA A 237 10.53 12.81 3.03
CA ALA A 237 10.88 13.17 1.67
C ALA A 237 10.37 12.09 0.72
N PRO A 238 10.11 12.42 -0.53
CA PRO A 238 9.88 11.37 -1.53
C PRO A 238 11.13 10.50 -1.67
N TYR A 239 10.96 9.35 -2.30
CA TYR A 239 12.07 8.45 -2.54
C TYR A 239 13.17 9.14 -3.34
N PRO A 240 14.41 8.68 -3.16
CA PRO A 240 15.58 9.30 -3.78
C PRO A 240 15.84 8.74 -5.17
N THR A 241 16.87 9.26 -5.83
CA THR A 241 17.40 8.57 -7.00
C THR A 241 18.33 7.43 -6.57
N ILE A 242 18.44 6.44 -7.45
CA ILE A 242 19.38 5.34 -7.34
C ILE A 242 20.17 5.27 -8.65
N LYS A 243 21.30 4.59 -8.61
CA LYS A 243 22.12 4.37 -9.80
C LYS A 243 21.85 2.97 -10.34
N LEU A 244 21.37 2.91 -11.58
CA LEU A 244 21.14 1.65 -12.29
C LEU A 244 21.90 1.77 -13.60
N ASP A 245 22.79 0.83 -13.86
CA ASP A 245 23.59 0.87 -15.08
C ASP A 245 24.27 2.23 -15.24
N GLY A 246 24.77 2.77 -14.13
CA GLY A 246 25.51 4.02 -14.14
C GLY A 246 24.68 5.28 -14.29
N LYS A 247 23.36 5.16 -14.37
CA LYS A 247 22.47 6.31 -14.57
C LYS A 247 21.68 6.55 -13.29
N ASP A 248 21.48 7.82 -12.94
CA ASP A 248 20.59 8.17 -11.85
C ASP A 248 19.16 8.14 -12.34
N VAL A 249 18.32 7.37 -11.65
CA VAL A 249 16.89 7.27 -11.96
C VAL A 249 16.13 7.34 -10.66
N GLN A 250 14.89 7.82 -10.70
CA GLN A 250 14.12 7.86 -9.46
C GLN A 250 13.81 6.43 -9.01
N MET A 251 14.07 6.15 -7.74
CA MET A 251 13.65 4.89 -7.10
C MET A 251 12.15 4.95 -6.90
N GLN A 252 11.41 4.00 -7.46
CA GLN A 252 9.97 3.98 -7.32
C GLN A 252 9.54 3.29 -6.03
N ALA A 253 8.33 3.62 -5.61
CA ALA A 253 7.54 2.80 -4.71
C ALA A 253 6.31 2.30 -5.45
N PHE A 254 5.59 1.36 -4.86
CA PHE A 254 4.24 1.10 -5.32
C PHE A 254 3.31 2.22 -4.86
N LEU A 255 2.28 2.48 -5.67
N LEU A 255 2.29 2.49 -5.68
CA LEU A 255 1.15 3.29 -5.25
CA LEU A 255 1.14 3.30 -5.26
C LEU A 255 0.03 2.30 -4.95
C LEU A 255 0.02 2.32 -4.96
N GLY A 256 -0.44 2.30 -3.71
CA GLY A 256 -1.52 1.44 -3.30
C GLY A 256 -2.74 2.25 -2.92
N ILE A 257 -3.91 1.64 -3.08
CA ILE A 257 -5.17 2.25 -2.65
C ILE A 257 -5.75 1.33 -1.59
N GLU A 258 -5.96 1.86 -0.39
CA GLU A 258 -6.58 1.09 0.68
C GLU A 258 -8.09 1.23 0.54
N THR A 259 -8.79 0.13 0.77
CA THR A 259 -10.23 0.04 0.51
C THR A 259 -10.93 -0.73 1.62
N PHE A 260 -12.26 -0.59 1.63
CA PHE A 260 -13.13 -1.56 2.26
C PHE A 260 -13.95 -2.25 1.20
N ALA A 261 -14.13 -3.56 1.36
CA ALA A 261 -14.96 -4.36 0.48
C ALA A 261 -16.07 -5.02 1.28
N VAL A 262 -17.14 -5.34 0.56
CA VAL A 262 -18.31 -6.00 1.11
C VAL A 262 -18.25 -7.47 0.76
N ASN A 263 -18.34 -8.32 1.78
CA ASN A 263 -18.37 -9.76 1.59
C ASN A 263 -19.64 -10.16 0.86
N SER A 264 -19.48 -10.89 -0.25
CA SER A 264 -20.64 -11.30 -1.04
C SER A 264 -21.55 -12.30 -0.32
N HIS A 265 -21.13 -12.84 0.82
CA HIS A 265 -22.01 -13.77 1.51
C HIS A 265 -23.24 -13.10 2.09
N ALA A 266 -23.13 -11.84 2.51
CA ALA A 266 -24.26 -11.17 3.14
C ALA A 266 -25.42 -11.04 2.16
N SER A 267 -26.63 -11.12 2.71
CA SER A 267 -27.85 -11.05 1.91
C SER A 267 -28.87 -10.19 2.63
N GLY A 268 -29.98 -9.92 1.93
CA GLY A 268 -31.10 -9.24 2.57
C GLY A 268 -30.69 -7.93 3.19
N SER A 269 -31.24 -7.65 4.37
N SER A 269 -31.28 -7.67 4.35
CA SER A 269 -30.97 -6.36 4.98
CA SER A 269 -31.02 -6.45 5.11
C SER A 269 -29.54 -6.26 5.48
C SER A 269 -29.53 -6.31 5.38
N ASN A 270 -28.90 -7.38 5.83
CA ASN A 270 -27.50 -7.31 6.24
C ASN A 270 -26.60 -6.86 5.08
N GLN A 271 -26.92 -7.30 3.86
CA GLN A 271 -26.16 -6.86 2.70
C GLN A 271 -26.31 -5.36 2.48
N LYS A 272 -27.55 -4.86 2.54
CA LYS A 272 -27.76 -3.42 2.38
C LYS A 272 -27.06 -2.65 3.49
N ALA A 273 -27.12 -3.14 4.72
CA ALA A 273 -26.43 -2.48 5.82
C ALA A 273 -24.92 -2.46 5.58
N ALA A 274 -24.37 -3.56 5.10
CA ALA A 274 -22.93 -3.65 4.86
C ALA A 274 -22.49 -2.65 3.79
N ALA A 275 -23.23 -2.57 2.69
CA ALA A 275 -22.90 -1.61 1.63
C ALA A 275 -23.03 -0.18 2.13
N THR A 276 -24.05 0.09 2.96
CA THR A 276 -24.21 1.42 3.52
C THR A 276 -23.05 1.76 4.45
N LEU A 277 -22.63 0.80 5.27
CA LEU A 277 -21.49 1.03 6.15
C LEU A 277 -20.22 1.27 5.33
N ALA A 278 -19.98 0.44 4.31
CA ALA A 278 -18.75 0.59 3.53
C ALA A 278 -18.68 1.97 2.89
N SER A 279 -19.80 2.43 2.34
N SER A 279 -19.80 2.46 2.36
CA SER A 279 -19.87 3.78 1.78
CA SER A 279 -19.80 3.80 1.76
C SER A 279 -19.59 4.83 2.84
C SER A 279 -19.66 4.89 2.80
N PHE A 280 -20.21 4.70 4.00
CA PHE A 280 -20.09 5.72 5.03
C PHE A 280 -18.65 5.82 5.55
N ILE A 281 -18.05 4.67 5.90
CA ILE A 281 -16.74 4.70 6.54
C ILE A 281 -15.63 5.10 5.58
N THR A 282 -15.94 5.17 4.29
CA THR A 282 -15.02 5.68 3.27
C THR A 282 -15.44 7.03 2.73
N ASN A 283 -16.38 7.70 3.38
CA ASN A 283 -16.80 9.02 2.94
C ASN A 283 -15.79 10.08 3.39
N LYS A 284 -16.02 11.32 2.94
CA LYS A 284 -15.04 12.38 3.19
C LYS A 284 -14.81 12.59 4.68
N GLU A 285 -15.89 12.70 5.45
CA GLU A 285 -15.74 12.94 6.88
C GLU A 285 -14.93 11.85 7.54
N SER A 286 -15.22 10.60 7.19
CA SER A 286 -14.52 9.45 7.76
C SER A 286 -13.06 9.42 7.34
N GLN A 287 -12.78 9.74 6.08
CA GLN A 287 -11.39 9.81 5.63
C GLN A 287 -10.61 10.85 6.43
N LEU A 288 -11.24 11.97 6.74
CA LEU A 288 -10.56 13.00 7.52
C LEU A 288 -10.34 12.57 8.98
N ILE A 289 -11.24 11.78 9.55
CA ILE A 289 -11.01 11.21 10.88
C ILE A 289 -9.83 10.24 10.85
N VAL A 290 -9.76 9.39 9.82
CA VAL A 290 -8.61 8.51 9.66
C VAL A 290 -7.32 9.32 9.57
N TYR A 291 -7.34 10.39 8.76
CA TYR A 291 -6.19 11.27 8.64
C TYR A 291 -5.81 11.85 10.00
N ASP A 292 -6.81 12.36 10.75
CA ASP A 292 -6.52 13.01 12.02
C ASP A 292 -5.79 12.07 12.97
N HIS A 293 -6.13 10.78 12.94
CA HIS A 293 -5.58 9.82 13.90
C HIS A 293 -4.28 9.20 13.42
N SER A 294 -4.21 8.76 12.17
CA SER A 294 -3.08 7.98 11.69
C SER A 294 -2.17 8.74 10.74
N GLY A 295 -2.66 9.82 10.13
CA GLY A 295 -1.94 10.49 9.09
C GLY A 295 -2.09 9.89 7.71
N GLN A 296 -2.93 8.87 7.53
CA GLN A 296 -3.14 8.35 6.18
C GLN A 296 -3.80 9.41 5.30
N ILE A 297 -3.49 9.33 4.02
CA ILE A 297 -3.82 10.38 3.06
C ILE A 297 -5.17 10.07 2.42
N PRO A 298 -6.16 10.96 2.52
CA PRO A 298 -7.45 10.71 1.87
C PRO A 298 -7.32 10.60 0.36
N VAL A 299 -8.23 9.82 -0.25
CA VAL A 299 -8.44 9.86 -1.69
C VAL A 299 -9.55 10.82 -2.10
N ASP A 300 -10.38 11.28 -1.17
CA ASP A 300 -11.44 12.22 -1.49
C ASP A 300 -10.84 13.51 -2.05
N LYS A 301 -11.39 13.97 -3.18
CA LYS A 301 -10.82 15.13 -3.86
C LYS A 301 -10.82 16.36 -2.97
N THR A 302 -11.95 16.59 -2.27
CA THR A 302 -12.09 17.76 -1.43
C THR A 302 -11.20 17.65 -0.20
N ALA A 303 -11.16 16.48 0.42
CA ALA A 303 -10.33 16.29 1.59
C ALA A 303 -8.85 16.52 1.29
N GLN A 304 -8.36 16.08 0.11
CA GLN A 304 -6.95 16.28 -0.20
C GLN A 304 -6.58 17.76 -0.21
N LYS A 305 -7.53 18.63 -0.53
CA LYS A 305 -7.28 20.06 -0.62
C LYS A 305 -7.62 20.80 0.66
N SER A 306 -8.11 20.11 1.69
CA SER A 306 -8.31 20.76 2.96
C SER A 306 -7.00 21.34 3.46
N SER A 307 -7.10 22.40 4.27
CA SER A 307 -5.88 23.09 4.70
C SER A 307 -4.97 22.16 5.48
N LYS A 308 -5.53 21.31 6.35
CA LYS A 308 -4.68 20.46 7.18
C LYS A 308 -3.96 19.41 6.34
N VAL A 309 -4.65 18.83 5.36
CA VAL A 309 -3.96 17.85 4.52
C VAL A 309 -2.94 18.54 3.62
N ALA A 310 -3.34 19.66 3.01
CA ALA A 310 -2.48 20.37 2.07
C ALA A 310 -1.19 20.86 2.73
N SER A 311 -1.24 21.15 4.02
CA SER A 311 -0.05 21.63 4.71
C SER A 311 0.77 20.51 5.33
N ASP A 312 0.33 19.27 5.24
CA ASP A 312 1.05 18.17 5.86
C ASP A 312 2.21 17.74 4.96
N PRO A 313 3.46 17.74 5.45
CA PRO A 313 4.55 17.34 4.56
C PRO A 313 4.45 15.92 4.06
N VAL A 314 3.86 15.00 4.83
CA VAL A 314 3.69 13.64 4.35
C VAL A 314 2.74 13.62 3.15
N ALA A 315 1.65 14.36 3.22
CA ALA A 315 0.74 14.42 2.09
C ALA A 315 1.46 14.93 0.85
N GLY A 316 2.28 15.96 1.00
CA GLY A 316 3.01 16.48 -0.14
C GLY A 316 3.95 15.45 -0.73
N ALA A 317 4.64 14.69 0.12
CA ALA A 317 5.56 13.68 -0.37
C ALA A 317 4.81 12.55 -1.06
N VAL A 318 3.65 12.16 -0.53
CA VAL A 318 2.83 11.13 -1.18
C VAL A 318 2.32 11.60 -2.53
N MET A 319 1.85 12.85 -2.61
N MET A 319 1.90 12.86 -2.64
CA MET A 319 1.42 13.38 -3.90
CA MET A 319 1.40 13.35 -3.91
C MET A 319 2.54 13.34 -4.92
C MET A 319 2.51 13.47 -4.95
N THR A 320 3.75 13.71 -4.51
CA THR A 320 4.89 13.59 -5.40
C THR A 320 5.09 12.14 -5.82
N MET A 321 5.06 11.22 -4.86
CA MET A 321 5.29 9.82 -5.18
C MET A 321 4.27 9.29 -6.17
N ALA A 322 3.03 9.78 -6.11
CA ALA A 322 1.97 9.31 -6.99
C ALA A 322 2.17 9.75 -8.44
N LYS A 323 3.04 10.71 -8.70
CA LYS A 323 3.22 11.17 -10.08
C LYS A 323 3.89 10.08 -10.92
N PRO A 324 3.55 10.02 -12.21
CA PRO A 324 4.23 9.11 -13.13
C PRO A 324 5.74 9.21 -13.00
N GLY A 325 6.40 8.06 -13.06
CA GLY A 325 7.81 7.96 -12.89
C GLY A 325 8.26 7.76 -11.46
N ASN A 326 7.46 8.18 -10.49
CA ASN A 326 7.83 8.06 -9.08
C ASN A 326 7.21 6.86 -8.41
N SER A 327 6.17 6.27 -9.01
CA SER A 327 5.52 5.08 -8.47
C SER A 327 4.73 4.43 -9.58
N THR A 328 4.30 3.21 -9.32
CA THR A 328 3.39 2.46 -10.19
C THR A 328 2.26 1.92 -9.33
N LEU A 329 1.02 2.09 -9.78
CA LEU A 329 -0.14 1.52 -9.10
C LEU A 329 0.04 0.01 -8.97
N MET A 330 -0.19 -0.54 -7.77
CA MET A 330 -0.12 -1.99 -7.64
C MET A 330 -1.13 -2.64 -8.59
N PRO A 331 -0.70 -3.58 -9.43
CA PRO A 331 -1.68 -4.37 -10.21
C PRO A 331 -2.54 -5.21 -9.29
N LYS A 332 -3.66 -5.66 -9.85
CA LYS A 332 -4.64 -6.44 -9.10
C LYS A 332 -4.96 -7.75 -9.79
N MET A 333 -4.09 -8.22 -10.66
CA MET A 333 -4.25 -9.48 -11.36
C MET A 333 -4.53 -10.61 -10.37
N PRO A 334 -5.30 -11.62 -10.78
CA PRO A 334 -5.55 -12.74 -9.86
C PRO A 334 -4.28 -13.43 -9.40
N GLN A 335 -3.19 -13.34 -10.19
CA GLN A 335 -1.90 -13.94 -9.90
C GLN A 335 -1.13 -13.22 -8.81
N MET A 336 -1.63 -12.11 -8.25
CA MET A 336 -0.78 -11.28 -7.41
C MET A 336 -0.26 -12.01 -6.18
N ALA A 337 -1.05 -12.92 -5.57
CA ALA A 337 -0.53 -13.59 -4.39
C ALA A 337 0.71 -14.40 -4.74
N THR A 338 0.69 -15.06 -5.90
CA THR A 338 1.86 -15.80 -6.36
C THR A 338 3.02 -14.87 -6.68
N PHE A 339 2.72 -13.75 -7.35
CA PHE A 339 3.72 -12.72 -7.57
C PHE A 339 4.43 -12.34 -6.27
N TRP A 340 3.68 -12.00 -5.22
CA TRP A 340 4.34 -11.56 -4.00
C TRP A 340 5.15 -12.69 -3.39
N ASN A 341 4.59 -13.90 -3.39
CA ASN A 341 5.29 -15.04 -2.80
C ASN A 341 6.62 -15.31 -3.49
N ASP A 342 6.67 -15.15 -4.80
CA ASP A 342 7.88 -15.44 -5.56
C ASP A 342 8.82 -14.25 -5.63
N ALA A 343 8.28 -13.03 -5.55
CA ALA A 343 9.14 -11.85 -5.68
C ALA A 343 10.05 -11.69 -4.48
N ALA A 344 9.57 -12.01 -3.28
CA ALA A 344 10.38 -11.79 -2.10
C ALA A 344 11.68 -12.61 -2.13
N PRO A 345 11.66 -13.92 -2.41
CA PRO A 345 12.95 -14.64 -2.47
C PRO A 345 13.82 -14.26 -3.67
N LEU A 346 13.22 -13.80 -4.76
CA LEU A 346 14.00 -13.31 -5.88
C LEU A 346 14.86 -12.12 -5.46
N ILE A 347 14.22 -11.14 -4.80
CA ILE A 347 14.92 -9.93 -4.37
C ILE A 347 15.89 -10.25 -3.25
N ASN A 348 15.40 -10.95 -2.22
CA ASN A 348 16.27 -11.22 -1.08
C ASN A 348 17.42 -12.13 -1.48
N GLY A 349 17.19 -13.05 -2.41
CA GLY A 349 18.29 -13.89 -2.88
C GLY A 349 19.38 -13.08 -3.55
N ALA A 350 18.99 -12.09 -4.36
CA ALA A 350 20.00 -11.19 -4.92
C ALA A 350 20.74 -10.42 -3.84
N TYR A 351 20.00 -9.89 -2.87
CA TYR A 351 20.60 -9.11 -1.79
C TYR A 351 21.60 -9.94 -0.99
N THR A 352 21.21 -11.14 -0.57
CA THR A 352 22.12 -11.92 0.28
C THR A 352 23.23 -12.61 -0.50
N GLY A 353 23.10 -12.73 -1.82
CA GLY A 353 24.04 -13.51 -2.59
C GLY A 353 23.65 -14.96 -2.78
N SER A 354 22.55 -15.42 -2.19
CA SER A 354 22.09 -16.77 -2.44
C SER A 354 21.84 -16.98 -3.94
N ILE A 355 21.37 -15.94 -4.62
CA ILE A 355 21.35 -15.88 -6.08
C ILE A 355 22.59 -15.10 -6.52
N PRO A 356 23.58 -15.74 -7.11
CA PRO A 356 24.73 -14.99 -7.63
C PRO A 356 24.41 -14.38 -8.98
N ALA A 357 25.26 -13.42 -9.39
CA ALA A 357 25.04 -12.71 -10.64
C ALA A 357 24.96 -13.67 -11.83
N SER A 358 25.73 -14.77 -11.79
CA SER A 358 25.71 -15.73 -12.88
C SER A 358 24.36 -16.38 -13.07
N GLN A 359 23.45 -16.28 -12.08
CA GLN A 359 22.13 -16.87 -12.14
C GLN A 359 21.01 -15.85 -12.31
N TYR A 360 21.31 -14.56 -12.39
CA TYR A 360 20.22 -13.58 -12.46
C TYR A 360 19.30 -13.86 -13.65
N SER A 361 19.87 -14.10 -14.83
CA SER A 361 19.03 -14.26 -16.01
C SER A 361 18.11 -15.48 -15.88
N THR A 362 18.67 -16.59 -15.40
CA THR A 362 17.88 -17.81 -15.21
C THR A 362 16.77 -17.61 -14.19
N LYS A 363 17.09 -16.97 -13.06
CA LYS A 363 16.09 -16.80 -12.03
C LYS A 363 14.99 -15.86 -12.49
N LEU A 364 15.34 -14.82 -13.26
CA LEU A 364 14.31 -13.90 -13.76
C LEU A 364 13.42 -14.59 -14.79
N ASP A 365 14.00 -15.45 -15.63
CA ASP A 365 13.18 -16.22 -16.58
C ASP A 365 12.17 -17.09 -15.84
N THR A 366 12.64 -17.79 -14.80
CA THR A 366 11.75 -18.68 -14.06
C THR A 366 10.67 -17.90 -13.34
N PHE A 367 11.04 -16.75 -12.77
CA PHE A 367 10.08 -15.87 -12.10
C PHE A 367 8.96 -15.47 -13.05
N VAL A 368 9.31 -15.01 -14.26
CA VAL A 368 8.28 -14.59 -15.20
C VAL A 368 7.36 -15.75 -15.55
N LYS A 369 7.91 -16.94 -15.77
CA LYS A 369 7.05 -18.09 -16.04
C LYS A 369 6.12 -18.38 -14.86
N ASN A 370 6.64 -18.27 -13.64
CA ASN A 370 5.88 -18.61 -12.44
C ASN A 370 4.68 -17.67 -12.24
N ILE A 371 4.84 -16.39 -12.58
CA ILE A 371 3.83 -15.39 -12.24
C ILE A 371 2.88 -15.09 -13.39
N SER A 372 3.06 -15.75 -14.54
CA SER A 372 2.36 -15.41 -15.77
C SER A 372 1.40 -16.51 -16.22
N LYS A 373 0.96 -17.38 -15.30
CA LYS A 373 0.05 -18.47 -15.65
C LYS A 373 -1.39 -18.00 -15.69
C1 GLC B . -0.91 -2.28 9.02
C2 GLC B . -1.43 -1.17 8.11
C3 GLC B . -1.34 -1.62 6.66
C4 GLC B . 0.08 -2.03 6.34
C5 GLC B . 0.58 -3.09 7.32
C6 GLC B . 2.03 -3.40 7.12
O1 GLC B . -1.75 -3.38 8.95
O2 GLC B . -2.74 -0.77 8.47
O3 GLC B . -1.75 -0.54 5.85
O4 GLC B . 0.11 -2.56 5.01
O5 GLC B . 0.43 -2.60 8.66
O6 GLC B . 2.43 -4.48 7.93
H1 GLC B . -0.79 -1.92 10.04
H2 GLC B . -0.76 -0.31 8.23
H3 GLC B . -2.02 -2.47 6.51
H4 GLC B . 0.74 -1.15 6.40
H5 GLC B . 0.00 -4.00 7.17
H61 GLC B . 2.64 -2.54 7.39
H62 GLC B . 2.24 -3.60 6.07
HO1 GLC B . -1.65 -3.89 9.79
HO2 GLC B . -3.36 -1.48 8.17
HO3 GLC B . -1.31 -0.66 4.97
HO6 GLC B . 3.43 -4.52 7.88
C1 GLC B . 0.87 -1.86 4.07
C2 GLC B . 0.06 -1.67 2.79
C3 GLC B . -0.12 -2.98 2.04
C4 GLC B . 1.21 -3.70 1.86
C5 GLC B . 1.97 -3.82 3.18
C6 GLC B . 3.37 -4.36 2.96
O2 GLC B . -1.21 -1.14 3.15
O3 GLC B . -0.68 -2.69 0.76
O4 GLC B . 0.94 -5.03 1.38
O5 GLC B . 2.10 -2.52 3.78
O6 GLC B . 4.06 -4.63 4.18
H1 GLC B . 1.26 -0.91 4.42
H2 GLC B . 0.56 -0.94 2.16
H3 GLC B . -0.80 -3.63 2.58
H4 GLC B . 1.83 -3.16 1.14
H5 GLC B . 1.44 -4.50 3.85
H61 GLC B . 3.94 -3.62 2.40
H62 GLC B . 3.32 -5.25 2.33
HO2 GLC B . -1.41 -0.38 2.56
HO3 GLC B . -0.85 -3.57 0.32
HO6 GLC B . 4.24 -5.60 4.18
C1 GLC B . 1.22 -5.28 0.02
C2 GLC B . 0.01 -5.96 -0.63
C3 GLC B . -0.19 -7.36 -0.07
C4 GLC B . 1.09 -8.14 -0.25
C5 GLC B . 2.24 -7.42 0.45
C6 GLC B . 3.56 -8.11 0.23
O2 GLC B . -1.11 -5.12 -0.43
O3 GLC B . -1.28 -8.02 -0.72
O4 GLC B . 0.93 -9.45 0.32
O5 GLC B . 2.38 -6.09 -0.11
O6 GLC B . 4.58 -7.56 1.04
H1 GLC B . 1.53 -4.40 -0.55
H2 GLC B . 0.19 -6.01 -1.71
H3 GLC B . -0.43 -7.28 0.99
H4 GLC B . 1.32 -8.22 -1.31
H5 GLC B . 2.05 -7.35 1.51
H61 GLC B . 3.83 -8.02 -0.83
H62 GLC B . 3.45 -9.17 0.43
HO2 GLC B . -1.74 -5.25 -1.20
HO3 GLC B . -1.23 -7.78 -1.68
HO6 GLC B . 4.42 -6.58 1.06
CL CL C . -26.41 -12.10 5.98
CL CL D . 22.36 3.66 -5.83
#